data_2X96
#
_entry.id   2X96
#
_cell.length_a   173.068
_cell.length_b   173.068
_cell.length_c   101.584
_cell.angle_alpha   90.00
_cell.angle_beta   90.00
_cell.angle_gamma   120.00
#
_symmetry.space_group_name_H-M   'H 3'
#
loop_
_entity.id
_entity.type
_entity.pdbx_description
1 polymer 'ANGIOTENSIN CONVERTING ENZYME'
2 branched beta-D-mannopyranose-(1-6)-alpha-D-mannopyranose-(1-3)-[alpha-D-mannopyranose-(1-6)]beta-D-mannopyranose-(1-4)-2-acetamido-2-deoxy-beta-D-glucopyranose-(1-4)-2-acetamido-2-deoxy-beta-D-glucopyranose
3 non-polymer 'N-({(1S,2R)-2-[(S)-[(1R)-1-{[(BENZYLOXY)CARBONYL]AMINO}-2-PHENYLETHYL](HYDROXY)PHOSPHORYL]CYCLOPENTYL}CARBONYL)-L-TRYPT OPHAN'
4 non-polymer '4-(2-HYDROXYETHYL)-1-PIPERAZINE ETHANESULFONIC ACID'
5 non-polymer 'ZINC ION'
6 non-polymer 2-acetamido-2-deoxy-beta-D-glucopyranose
7 water water
#
_entity_poly.entity_id   1
_entity_poly.type   'polypeptide(L)'
_entity_poly.pdbx_seq_one_letter_code
;ALVKEEIQAKEYLENLNKELAKRTNVETEAAWAYGSNITDENEKKKNEISAELAKFMKEVASDTTKFQWRSYQSEDLKRQ
FKALTKLGYAALPEDDYAELLDTLSAMESNFAKVKVCDYKDSTKCDLALDPEIEEVISKSRDHEELAYYWREFYDKAGTA
VRSQFERYVELNTKAAKLNNFTSGAEAWLDEYEDDTFEQQLEDIFADIRPLYQQIHGYVRFRLRKHYGDAVVSETGPIPM
HLLGNMWAQQWSEIADIVSPFPEKPLVDVSAEMEKQGYTPLKMFQMGDDFFTSMNLTKLPQDFWDKSIIEKPTDGRDLVC
HASAWDFYLTDDVRIKQCTRVTQDQLFTVHHELGHIQYFLQYQHQPFVYRTGANPGFHEAVGDVLSLSVSTPKHLEKIGL
LKDYVRDDEARINQLFLTALDKIVFLPFAFTMDKYRWSLFRGEVDKANWNCAFWKLRDEYSGIEPPVVRSEKDFDAPAKY
HISADVEYLRYLVSFIIQFQFYKSACIKAGQYDPDNVELPLDNCDIYGSAAAGAAFHNMLSMGASKPWPDALEAFNGERI
MSGKAIAEYFEPLRVWLEAENIKNNVHIGWTTSNKCVS
;
_entity_poly.pdbx_strand_id   A
#
# COMPACT_ATOMS: atom_id res chain seq x y z
N ALA A 1 -12.24 -7.34 -45.78
CA ALA A 1 -11.82 -5.94 -45.45
C ALA A 1 -11.97 -5.62 -43.96
N LEU A 2 -11.46 -4.46 -43.56
CA LEU A 2 -11.31 -4.10 -42.15
C LEU A 2 -12.59 -3.64 -41.46
N VAL A 3 -13.50 -3.03 -42.21
CA VAL A 3 -14.77 -2.54 -41.67
C VAL A 3 -15.58 -3.70 -41.08
N LYS A 4 -15.71 -4.77 -41.86
CA LYS A 4 -16.43 -5.97 -41.41
C LYS A 4 -15.71 -6.69 -40.26
N GLU A 5 -14.38 -6.64 -40.27
CA GLU A 5 -13.58 -7.31 -39.26
C GLU A 5 -13.70 -6.63 -37.89
N GLU A 6 -13.71 -5.31 -37.89
CA GLU A 6 -13.83 -4.53 -36.66
C GLU A 6 -15.19 -4.77 -35.99
N ILE A 7 -16.23 -4.99 -36.79
CA ILE A 7 -17.54 -5.39 -36.28
C ILE A 7 -17.47 -6.76 -35.61
N GLN A 8 -16.81 -7.72 -36.27
CA GLN A 8 -16.60 -9.06 -35.71
C GLN A 8 -15.75 -9.03 -34.44
N ALA A 9 -14.75 -8.14 -34.44
CA ALA A 9 -13.84 -7.98 -33.30
C ALA A 9 -14.57 -7.50 -32.04
N LYS A 10 -15.52 -6.58 -32.23
CA LYS A 10 -16.34 -6.07 -31.12
C LYS A 10 -17.11 -7.19 -30.43
N GLU A 11 -17.69 -8.09 -31.23
CA GLU A 11 -18.42 -9.25 -30.73
C GLU A 11 -17.47 -10.26 -30.06
N TYR A 12 -16.28 -10.43 -30.63
CA TYR A 12 -15.26 -11.29 -30.05
C TYR A 12 -14.90 -10.83 -28.65
N LEU A 13 -14.70 -9.53 -28.48
CA LEU A 13 -14.30 -8.94 -27.21
C LEU A 13 -15.40 -9.04 -26.16
N GLU A 14 -16.63 -8.76 -26.59
CA GLU A 14 -17.79 -8.82 -25.72
C GLU A 14 -17.93 -10.20 -25.07
N ASN A 15 -17.83 -11.25 -25.90
CA ASN A 15 -17.91 -12.62 -25.42
CA ASN A 15 -17.91 -12.62 -25.42
C ASN A 15 -16.70 -13.02 -24.57
N LEU A 16 -15.51 -12.66 -25.04
CA LEU A 16 -14.27 -13.03 -24.36
C LEU A 16 -14.14 -12.40 -22.98
N ASN A 17 -14.49 -11.12 -22.87
CA ASN A 17 -14.48 -10.44 -21.57
C ASN A 17 -15.34 -11.17 -20.55
N LYS A 18 -16.55 -11.57 -20.96
CA LYS A 18 -17.44 -12.35 -20.10
C LYS A 18 -16.85 -13.70 -19.71
N GLU A 19 -16.17 -14.36 -20.64
CA GLU A 19 -15.51 -15.63 -20.36
C GLU A 19 -14.34 -15.45 -19.37
N LEU A 20 -13.61 -14.35 -19.52
CA LEU A 20 -12.47 -14.07 -18.64
C LEU A 20 -12.90 -13.80 -17.20
N ALA A 21 -13.99 -13.06 -17.02
CA ALA A 21 -14.54 -12.79 -15.69
C ALA A 21 -14.90 -14.10 -15.00
N LYS A 22 -15.57 -14.98 -15.75
CA LYS A 22 -16.05 -16.24 -15.23
C LYS A 22 -14.90 -17.21 -14.88
N ARG A 23 -13.88 -17.26 -15.73
CA ARG A 23 -12.69 -18.07 -15.49
C ARG A 23 -11.86 -17.51 -14.32
N THR A 24 -11.77 -16.19 -14.23
CA THR A 24 -11.01 -15.55 -13.16
C THR A 24 -11.73 -15.69 -11.80
N ASN A 25 -13.06 -15.69 -11.83
CA ASN A 25 -13.88 -15.98 -10.65
C ASN A 25 -13.44 -17.27 -9.97
N VAL A 26 -13.23 -18.32 -10.76
CA VAL A 26 -12.81 -19.63 -10.26
C VAL A 26 -11.41 -19.57 -9.62
N GLU A 27 -10.48 -18.87 -10.29
CA GLU A 27 -9.13 -18.70 -9.77
C GLU A 27 -9.17 -17.92 -8.45
N THR A 28 -9.97 -16.86 -8.43
CA THR A 28 -10.08 -15.99 -7.26
C THR A 28 -10.67 -16.72 -6.06
N GLU A 29 -11.63 -17.61 -6.32
CA GLU A 29 -12.23 -18.41 -5.27
C GLU A 29 -11.23 -19.35 -4.60
N ALA A 30 -10.39 -19.98 -5.43
CA ALA A 30 -9.34 -20.87 -4.93
C ALA A 30 -8.25 -20.11 -4.17
N ALA A 31 -7.95 -18.89 -4.63
CA ALA A 31 -6.98 -18.01 -3.97
C ALA A 31 -7.52 -17.51 -2.63
N TRP A 32 -8.82 -17.21 -2.60
CA TRP A 32 -9.50 -16.81 -1.37
C TRP A 32 -9.47 -17.92 -0.33
N ALA A 33 -9.77 -19.14 -0.76
CA ALA A 33 -9.81 -20.31 0.13
C ALA A 33 -8.45 -20.60 0.74
N TYR A 34 -7.40 -20.42 -0.05
CA TYR A 34 -6.02 -20.64 0.42
C TYR A 34 -5.58 -19.57 1.40
N GLY A 35 -5.87 -18.30 1.07
CA GLY A 35 -5.52 -17.17 1.93
C GLY A 35 -6.23 -17.23 3.27
N SER A 36 -7.44 -17.79 3.29
CA SER A 36 -8.27 -17.92 4.47
C SER A 36 -7.91 -19.16 5.29
N ASN A 37 -7.22 -20.10 4.65
CA ASN A 37 -6.96 -21.41 5.23
C ASN A 37 -5.77 -22.06 4.54
N ILE A 38 -4.57 -21.73 5.01
CA ILE A 38 -3.34 -22.25 4.41
C ILE A 38 -3.16 -23.75 4.72
N THR A 39 -3.37 -24.57 3.69
CA THR A 39 -3.09 -26.00 3.75
C THR A 39 -2.41 -26.44 2.45
N ASP A 40 -1.73 -27.59 2.50
CA ASP A 40 -1.10 -28.15 1.31
C ASP A 40 -2.12 -28.46 0.23
N GLU A 41 -3.31 -28.90 0.64
CA GLU A 41 -4.40 -29.21 -0.27
C GLU A 41 -4.91 -27.94 -0.97
N ASN A 42 -5.12 -26.87 -0.20
CA ASN A 42 -5.55 -25.58 -0.76
C ASN A 42 -4.50 -24.93 -1.64
N GLU A 43 -3.23 -25.10 -1.28
CA GLU A 43 -2.10 -24.62 -2.10
C GLU A 43 -2.15 -25.27 -3.48
N LYS A 44 -2.24 -26.60 -3.49
CA LYS A 44 -2.33 -27.39 -4.72
C LYS A 44 -3.50 -26.93 -5.59
N LYS A 45 -4.67 -26.74 -4.98
CA LYS A 45 -5.86 -26.31 -5.69
C LYS A 45 -5.72 -24.92 -6.32
N LYS A 46 -5.19 -23.98 -5.53
CA LYS A 46 -4.97 -22.61 -5.99
C LYS A 46 -4.04 -22.59 -7.21
N ASN A 47 -2.91 -23.26 -7.09
CA ASN A 47 -1.88 -23.26 -8.13
C ASN A 47 -2.27 -24.00 -9.41
N GLU A 48 -3.11 -25.04 -9.26
CA GLU A 48 -3.56 -25.82 -10.42
C GLU A 48 -4.58 -25.05 -11.26
N ILE A 49 -5.49 -24.33 -10.60
CA ILE A 49 -6.46 -23.49 -11.30
C ILE A 49 -5.77 -22.35 -12.04
N SER A 50 -4.76 -21.75 -11.39
CA SER A 50 -3.99 -20.67 -12.00
C SER A 50 -3.26 -21.14 -13.26
N ALA A 51 -2.68 -22.34 -13.19
CA ALA A 51 -2.03 -22.98 -14.33
C ALA A 51 -3.01 -23.17 -15.50
N GLU A 52 -4.25 -23.51 -15.16
CA GLU A 52 -5.32 -23.69 -16.14
C GLU A 52 -5.71 -22.36 -16.81
N LEU A 53 -5.85 -21.30 -16.00
CA LEU A 53 -6.17 -19.98 -16.54
C LEU A 53 -5.04 -19.42 -17.40
N ALA A 54 -3.79 -19.67 -16.98
CA ALA A 54 -2.62 -19.26 -17.74
C ALA A 54 -2.62 -19.88 -19.15
N LYS A 55 -3.00 -21.17 -19.21
CA LYS A 55 -3.10 -21.89 -20.48
C LYS A 55 -4.13 -21.24 -21.42
N PHE A 56 -5.26 -20.83 -20.85
CA PHE A 56 -6.30 -20.13 -21.62
C PHE A 56 -5.83 -18.76 -22.09
N MET A 57 -5.10 -18.05 -21.22
CA MET A 57 -4.56 -16.73 -21.58
C MET A 57 -3.59 -16.80 -22.75
N LYS A 58 -2.77 -17.84 -22.79
CA LYS A 58 -1.87 -18.10 -23.93
C LYS A 58 -2.65 -18.20 -25.23
N GLU A 59 -3.75 -18.95 -25.21
CA GLU A 59 -4.63 -19.10 -26.37
C GLU A 59 -5.26 -17.77 -26.78
N VAL A 60 -5.65 -16.97 -25.79
CA VAL A 60 -6.21 -15.64 -26.03
C VAL A 60 -5.19 -14.74 -26.75
N ALA A 61 -3.99 -14.66 -26.19
CA ALA A 61 -2.91 -13.85 -26.77
C ALA A 61 -2.60 -14.29 -28.19
N SER A 62 -2.62 -15.60 -28.42
CA SER A 62 -2.44 -16.16 -29.75
C SER A 62 -3.54 -15.72 -30.71
N ASP A 63 -4.79 -15.78 -30.24
CA ASP A 63 -5.95 -15.38 -31.04
C ASP A 63 -5.99 -13.89 -31.43
N THR A 64 -5.38 -13.04 -30.63
CA THR A 64 -5.36 -11.60 -30.92
C THR A 64 -4.66 -11.30 -32.25
N THR A 65 -3.70 -12.16 -32.63
CA THR A 65 -2.95 -12.01 -33.88
C THR A 65 -3.80 -12.30 -35.13
N LYS A 66 -4.97 -12.90 -34.93
CA LYS A 66 -5.92 -13.15 -36.01
C LYS A 66 -6.74 -11.90 -36.36
N PHE A 67 -6.69 -10.90 -35.48
CA PHE A 67 -7.36 -9.63 -35.72
C PHE A 67 -6.33 -8.55 -36.02
N GLN A 68 -6.64 -7.73 -37.03
CA GLN A 68 -5.77 -6.60 -37.41
C GLN A 68 -6.02 -5.42 -36.49
N TRP A 69 -5.96 -5.65 -35.18
CA TRP A 69 -6.45 -4.68 -34.21
C TRP A 69 -5.75 -3.32 -34.22
N ARG A 70 -4.45 -3.31 -34.52
CA ARG A 70 -3.69 -2.05 -34.65
C ARG A 70 -4.21 -1.17 -35.78
N SER A 71 -4.95 -1.75 -36.72
CA SER A 71 -5.50 -1.02 -37.87
C SER A 71 -6.89 -0.44 -37.62
N TYR A 72 -7.49 -0.72 -36.46
CA TYR A 72 -8.88 -0.35 -36.21
C TYR A 72 -9.11 1.15 -35.99
N GLN A 73 -10.34 1.59 -36.26
CA GLN A 73 -10.75 2.97 -36.05
C GLN A 73 -11.01 3.28 -34.57
N SER A 74 -11.57 2.29 -33.86
CA SER A 74 -11.98 2.48 -32.47
C SER A 74 -10.82 2.38 -31.48
N GLU A 75 -10.53 3.49 -30.81
CA GLU A 75 -9.53 3.54 -29.75
C GLU A 75 -9.88 2.57 -28.63
N ASP A 76 -11.17 2.46 -28.33
CA ASP A 76 -11.68 1.56 -27.30
C ASP A 76 -11.37 0.10 -27.62
N LEU A 77 -11.66 -0.31 -28.86
CA LEU A 77 -11.38 -1.68 -29.28
C LEU A 77 -9.89 -1.98 -29.25
N LYS A 78 -9.09 -1.04 -29.76
CA LYS A 78 -7.64 -1.19 -29.75
C LYS A 78 -7.09 -1.32 -28.33
N ARG A 79 -7.64 -0.53 -27.41
CA ARG A 79 -7.20 -0.54 -26.02
C ARG A 79 -7.47 -1.90 -25.34
N GLN A 80 -8.64 -2.47 -25.65
CA GLN A 80 -9.01 -3.79 -25.15
C GLN A 80 -8.11 -4.89 -25.70
N PHE A 81 -7.85 -4.87 -27.00
CA PHE A 81 -6.97 -5.85 -27.62
C PHE A 81 -5.55 -5.77 -27.06
N LYS A 82 -5.05 -4.55 -26.88
CA LYS A 82 -3.72 -4.36 -26.32
C LYS A 82 -3.63 -4.98 -24.92
N ALA A 83 -4.66 -4.76 -24.10
CA ALA A 83 -4.75 -5.36 -22.77
C ALA A 83 -4.68 -6.89 -22.79
N LEU A 84 -5.29 -7.51 -23.80
CA LEU A 84 -5.29 -8.96 -23.95
C LEU A 84 -3.94 -9.55 -24.38
N THR A 85 -3.12 -8.74 -25.05
CA THR A 85 -1.80 -9.21 -25.48
C THR A 85 -0.82 -9.34 -24.31
N LYS A 86 -1.15 -8.67 -23.21
CA LYS A 86 -0.26 -8.62 -22.05
C LYS A 86 -0.49 -9.79 -21.10
N LEU A 87 0.37 -10.80 -21.24
CA LEU A 87 0.21 -12.08 -20.55
C LEU A 87 0.79 -12.09 -19.14
N GLY A 88 1.81 -11.27 -18.91
CA GLY A 88 2.57 -11.33 -17.66
C GLY A 88 3.15 -12.70 -17.46
N TYR A 89 3.03 -13.23 -16.25
CA TYR A 89 3.55 -14.56 -15.90
C TYR A 89 3.01 -15.69 -16.79
N ALA A 90 1.80 -15.52 -17.30
CA ALA A 90 1.15 -16.51 -18.16
C ALA A 90 1.90 -16.77 -19.47
N ALA A 91 2.86 -15.91 -19.80
CA ALA A 91 3.70 -16.11 -20.99
C ALA A 91 4.76 -17.20 -20.79
N LEU A 92 5.02 -17.57 -19.54
CA LEU A 92 6.01 -18.61 -19.23
C LEU A 92 5.57 -19.99 -19.72
N PRO A 93 6.55 -20.85 -20.11
CA PRO A 93 6.24 -22.26 -20.41
C PRO A 93 5.54 -22.91 -19.23
N GLU A 94 4.70 -23.91 -19.52
CA GLU A 94 3.88 -24.58 -18.52
C GLU A 94 4.63 -24.93 -17.24
N ASP A 95 5.78 -25.60 -17.39
CA ASP A 95 6.58 -26.03 -16.24
C ASP A 95 7.16 -24.85 -15.45
N ASP A 96 7.65 -23.84 -16.16
CA ASP A 96 8.21 -22.64 -15.54
C ASP A 96 7.15 -21.88 -14.75
N TYR A 97 5.94 -21.79 -15.32
CA TYR A 97 4.83 -21.15 -14.64
C TYR A 97 4.45 -21.89 -13.37
N ALA A 98 4.39 -23.21 -13.43
CA ALA A 98 4.07 -24.04 -12.26
C ALA A 98 5.12 -23.90 -11.16
N GLU A 99 6.39 -23.80 -11.56
CA GLU A 99 7.49 -23.59 -10.62
C GLU A 99 7.39 -22.22 -9.96
N LEU A 100 7.02 -21.21 -10.74
CA LEU A 100 6.86 -19.86 -10.20
C LEU A 100 5.74 -19.81 -9.15
N LEU A 101 4.60 -20.42 -9.46
CA LEU A 101 3.48 -20.47 -8.52
C LEU A 101 3.86 -21.18 -7.22
N ASP A 102 4.63 -22.26 -7.33
CA ASP A 102 5.12 -23.01 -6.17
C ASP A 102 6.07 -22.14 -5.33
N THR A 103 6.91 -21.38 -6.02
CA THR A 103 7.85 -20.46 -5.37
C THR A 103 7.12 -19.34 -4.63
N LEU A 104 6.09 -18.78 -5.27
CA LEU A 104 5.30 -17.69 -4.70
C LEU A 104 4.51 -18.11 -3.45
N SER A 105 3.86 -19.28 -3.51
CA SER A 105 3.11 -19.77 -2.36
C SER A 105 4.05 -20.16 -1.21
N ALA A 106 5.22 -20.67 -1.55
CA ALA A 106 6.24 -20.99 -0.54
C ALA A 106 6.66 -19.75 0.25
N MET A 107 6.83 -18.63 -0.45
CA MET A 107 7.20 -17.37 0.20
C MET A 107 6.05 -16.75 1.00
N GLU A 108 4.85 -16.74 0.43
CA GLU A 108 3.69 -16.19 1.14
C GLU A 108 3.36 -17.01 2.40
N SER A 109 3.40 -18.33 2.28
CA SER A 109 3.09 -19.21 3.42
C SER A 109 4.16 -19.11 4.52
N ASN A 110 5.42 -19.00 4.12
CA ASN A 110 6.50 -18.76 5.10
C ASN A 110 6.22 -17.50 5.91
N PHE A 111 5.92 -16.40 5.22
CA PHE A 111 5.62 -15.14 5.88
C PHE A 111 4.46 -15.26 6.86
N ALA A 112 3.39 -15.93 6.42
CA ALA A 112 2.17 -16.06 7.20
C ALA A 112 2.33 -16.98 8.42
N LYS A 113 3.25 -17.93 8.32
CA LYS A 113 3.45 -18.92 9.38
C LYS A 113 4.53 -18.55 10.41
N VAL A 114 5.14 -17.39 10.23
CA VAL A 114 6.20 -16.93 11.15
C VAL A 114 5.69 -16.84 12.59
N LYS A 115 6.40 -17.52 13.48
CA LYS A 115 6.13 -17.46 14.92
C LYS A 115 7.44 -17.27 15.65
N VAL A 116 7.44 -16.40 16.66
CA VAL A 116 8.65 -16.17 17.47
C VAL A 116 8.38 -16.50 18.94
N CYS A 117 9.46 -16.64 19.71
CA CYS A 117 9.35 -16.90 21.13
C CYS A 117 9.27 -15.60 21.92
N ASP A 118 8.48 -15.62 22.99
CA ASP A 118 8.33 -14.48 23.90
C ASP A 118 9.70 -14.04 24.44
N TYR A 119 9.91 -12.73 24.50
CA TYR A 119 11.16 -12.15 24.99
C TYR A 119 11.47 -12.55 26.42
N LYS A 120 10.42 -12.68 27.24
CA LYS A 120 10.55 -12.99 28.66
C LYS A 120 10.28 -14.46 28.99
N ASP A 121 9.84 -15.23 27.99
CA ASP A 121 9.45 -16.62 28.18
C ASP A 121 9.82 -17.48 26.98
N SER A 122 10.99 -18.12 27.03
CA SER A 122 11.48 -18.95 25.92
C SER A 122 10.64 -20.21 25.70
N THR A 123 9.68 -20.46 26.60
CA THR A 123 8.74 -21.56 26.46
C THR A 123 7.63 -21.21 25.48
N LYS A 124 7.10 -19.99 25.60
CA LYS A 124 5.98 -19.53 24.78
C LYS A 124 6.48 -19.06 23.41
N CYS A 125 6.30 -19.90 22.40
CA CYS A 125 6.81 -19.62 21.05
C CYS A 125 5.72 -19.59 19.97
N ASP A 126 4.61 -18.93 20.28
CA ASP A 126 3.47 -18.85 19.36
C ASP A 126 3.05 -17.41 19.05
N LEU A 127 4.00 -16.49 19.16
CA LEU A 127 3.75 -15.08 18.84
C LEU A 127 3.85 -14.85 17.33
N ALA A 128 2.74 -14.44 16.72
CA ALA A 128 2.71 -14.09 15.30
C ALA A 128 2.91 -12.58 15.13
N LEU A 129 3.31 -12.17 13.93
CA LEU A 129 3.42 -10.74 13.61
C LEU A 129 2.11 -10.02 13.92
N ASP A 130 1.02 -10.57 13.41
CA ASP A 130 -0.31 -10.02 13.65
C ASP A 130 -1.06 -10.99 14.58
N PRO A 131 -1.34 -10.56 15.83
CA PRO A 131 -1.10 -9.23 16.38
C PRO A 131 0.09 -9.09 17.35
N GLU A 132 0.67 -10.21 17.80
CA GLU A 132 1.59 -10.21 18.94
C GLU A 132 2.86 -9.37 18.75
N ILE A 133 3.63 -9.64 17.70
CA ILE A 133 4.88 -8.92 17.48
C ILE A 133 4.65 -7.46 17.14
N GLU A 134 3.65 -7.18 16.30
CA GLU A 134 3.30 -5.80 15.95
C GLU A 134 2.87 -4.98 17.15
N GLU A 135 2.24 -5.62 18.14
CA GLU A 135 1.87 -4.93 19.37
C GLU A 135 3.12 -4.47 20.14
N VAL A 136 4.12 -5.35 20.25
CA VAL A 136 5.35 -5.00 20.95
C VAL A 136 6.11 -3.87 20.23
N ILE A 137 6.31 -4.03 18.92
CA ILE A 137 7.03 -3.03 18.12
C ILE A 137 6.39 -1.65 18.25
N SER A 138 5.06 -1.61 18.30
CA SER A 138 4.33 -0.34 18.36
C SER A 138 4.27 0.27 19.77
N LYS A 139 4.32 -0.57 20.80
CA LYS A 139 4.05 -0.12 22.17
C LYS A 139 5.25 -0.11 23.12
N SER A 140 6.15 -1.09 22.99
CA SER A 140 7.32 -1.17 23.88
C SER A 140 8.29 -0.02 23.65
N ARG A 141 8.79 0.53 24.75
CA ARG A 141 9.88 1.52 24.68
C ARG A 141 11.14 0.97 25.36
N ASP A 142 11.26 -0.37 25.37
CA ASP A 142 12.46 -1.06 25.83
C ASP A 142 13.26 -1.41 24.58
N HIS A 143 14.34 -0.67 24.34
CA HIS A 143 15.11 -0.81 23.10
C HIS A 143 15.71 -2.21 22.87
N GLU A 144 16.08 -2.91 23.95
CA GLU A 144 16.61 -4.26 23.81
C GLU A 144 15.51 -5.27 23.47
N GLU A 145 14.34 -5.10 24.09
CA GLU A 145 13.17 -5.92 23.75
C GLU A 145 12.81 -5.73 22.28
N LEU A 146 12.74 -4.47 21.85
CA LEU A 146 12.47 -4.12 20.46
C LEU A 146 13.46 -4.76 19.48
N ALA A 147 14.75 -4.73 19.84
CA ALA A 147 15.79 -5.29 19.00
C ALA A 147 15.69 -6.81 18.92
N TYR A 148 15.31 -7.44 20.03
CA TYR A 148 15.10 -8.89 20.06
C TYR A 148 14.04 -9.31 19.05
N TYR A 149 12.89 -8.63 19.07
CA TYR A 149 11.78 -8.97 18.19
C TYR A 149 12.10 -8.66 16.73
N TRP A 150 12.82 -7.57 16.51
CA TRP A 150 13.32 -7.21 15.18
C TRP A 150 14.13 -8.36 14.59
N ARG A 151 15.15 -8.81 15.32
CA ARG A 151 16.05 -9.85 14.82
C ARG A 151 15.31 -11.17 14.60
N GLU A 152 14.47 -11.55 15.56
CA GLU A 152 13.71 -12.80 15.46
C GLU A 152 12.84 -12.81 14.22
N PHE A 153 12.12 -11.71 13.99
CA PHE A 153 11.22 -11.64 12.85
C PHE A 153 11.94 -11.63 11.50
N TYR A 154 12.94 -10.76 11.34
CA TYR A 154 13.67 -10.64 10.08
C TYR A 154 14.39 -11.93 9.69
N ASP A 155 14.95 -12.62 10.68
CA ASP A 155 15.61 -13.91 10.45
C ASP A 155 14.63 -14.95 9.90
N LYS A 156 13.40 -14.93 10.40
CA LYS A 156 12.38 -15.93 10.03
C LYS A 156 11.58 -15.57 8.77
N ALA A 157 11.25 -14.29 8.61
CA ALA A 157 10.43 -13.85 7.48
C ALA A 157 11.28 -13.47 6.28
N GLY A 158 12.54 -13.08 6.53
CA GLY A 158 13.42 -12.67 5.46
C GLY A 158 14.40 -13.73 5.03
N THR A 159 15.41 -13.97 5.87
CA THR A 159 16.52 -14.87 5.54
C THR A 159 16.07 -16.26 5.12
N ALA A 160 15.05 -16.79 5.80
CA ALA A 160 14.58 -18.15 5.57
C ALA A 160 14.14 -18.44 4.13
N VAL A 161 13.82 -17.39 3.36
CA VAL A 161 13.37 -17.57 1.97
C VAL A 161 14.30 -17.04 0.88
N ARG A 162 15.59 -16.88 1.18
CA ARG A 162 16.55 -16.37 0.21
C ARG A 162 16.57 -17.16 -1.11
N SER A 163 16.70 -18.47 -1.01
CA SER A 163 16.77 -19.33 -2.21
C SER A 163 15.50 -19.25 -3.06
N GLN A 164 14.34 -19.19 -2.40
CA GLN A 164 13.07 -19.03 -3.11
C GLN A 164 12.99 -17.67 -3.81
N PHE A 165 13.39 -16.62 -3.10
CA PHE A 165 13.39 -15.28 -3.67
C PHE A 165 14.30 -15.20 -4.89
N GLU A 166 15.47 -15.84 -4.82
CA GLU A 166 16.40 -15.92 -5.95
C GLU A 166 15.78 -16.56 -7.18
N ARG A 167 15.08 -17.68 -7.00
CA ARG A 167 14.39 -18.34 -8.10
C ARG A 167 13.23 -17.48 -8.64
N TYR A 168 12.55 -16.79 -7.73
CA TYR A 168 11.46 -15.87 -8.11
C TYR A 168 11.97 -14.76 -9.04
N VAL A 169 13.09 -14.15 -8.67
CA VAL A 169 13.71 -13.10 -9.50
C VAL A 169 14.03 -13.63 -10.90
N GLU A 170 14.58 -14.84 -10.98
CA GLU A 170 14.91 -15.48 -12.25
C GLU A 170 13.68 -15.69 -13.13
N LEU A 171 12.62 -16.22 -12.55
CA LEU A 171 11.40 -16.51 -13.32
C LEU A 171 10.62 -15.24 -13.65
N ASN A 172 10.63 -14.27 -12.75
CA ASN A 172 10.04 -12.96 -13.02
C ASN A 172 10.70 -12.31 -14.23
N THR A 173 12.04 -12.37 -14.28
CA THR A 173 12.82 -11.84 -15.39
C THR A 173 12.50 -12.57 -16.69
N LYS A 174 12.48 -13.91 -16.64
CA LYS A 174 12.16 -14.72 -17.81
C LYS A 174 10.77 -14.37 -18.36
N ALA A 175 9.81 -14.15 -17.47
CA ALA A 175 8.44 -13.79 -17.86
C ALA A 175 8.40 -12.43 -18.56
N ALA A 176 9.06 -11.44 -17.96
CA ALA A 176 9.11 -10.10 -18.51
C ALA A 176 9.69 -10.10 -19.92
N LYS A 177 10.77 -10.84 -20.11
CA LYS A 177 11.44 -10.92 -21.40
C LYS A 177 10.60 -11.63 -22.45
N LEU A 178 9.80 -12.61 -22.04
CA LEU A 178 8.85 -13.27 -22.95
C LEU A 178 7.74 -12.34 -23.41
N ASN A 179 7.47 -11.31 -22.61
CA ASN A 179 6.55 -10.24 -22.98
C ASN A 179 7.28 -9.07 -23.64
N ASN A 180 8.58 -9.26 -23.90
CA ASN A 180 9.46 -8.26 -24.53
C ASN A 180 9.69 -6.96 -23.75
N PHE A 181 9.53 -7.03 -22.44
CA PHE A 181 10.01 -5.99 -21.53
C PHE A 181 11.45 -6.34 -21.20
N THR A 182 12.27 -5.34 -20.87
CA THR A 182 13.66 -5.57 -20.49
C THR A 182 13.74 -6.40 -19.21
N SER A 183 12.86 -6.10 -18.26
CA SER A 183 12.81 -6.80 -16.98
C SER A 183 11.46 -6.59 -16.31
N GLY A 184 11.30 -7.18 -15.13
CA GLY A 184 10.08 -7.02 -14.34
C GLY A 184 9.82 -5.58 -13.90
N ALA A 185 10.89 -4.78 -13.80
CA ALA A 185 10.75 -3.35 -13.53
C ALA A 185 9.88 -2.70 -14.60
N GLU A 186 10.24 -2.95 -15.86
CA GLU A 186 9.53 -2.37 -17.00
C GLU A 186 8.13 -2.94 -17.12
N ALA A 187 7.99 -4.23 -16.79
CA ALA A 187 6.66 -4.85 -16.74
C ALA A 187 5.74 -4.15 -15.74
N TRP A 188 6.24 -3.90 -14.52
CA TRP A 188 5.46 -3.17 -13.52
C TRP A 188 5.14 -1.74 -13.97
N LEU A 189 6.14 -1.05 -14.51
CA LEU A 189 6.00 0.35 -14.91
C LEU A 189 5.03 0.56 -16.08
N ASP A 190 4.82 -0.49 -16.87
CA ASP A 190 3.88 -0.47 -17.98
C ASP A 190 2.44 -0.11 -17.54
N GLU A 191 2.11 -0.46 -16.29
CA GLU A 191 0.78 -0.17 -15.74
C GLU A 191 0.47 1.33 -15.61
N TYR A 192 1.51 2.16 -15.67
CA TYR A 192 1.32 3.62 -15.54
C TYR A 192 1.25 4.34 -16.88
N GLU A 193 1.42 3.59 -17.97
CA GLU A 193 1.24 4.11 -19.34
C GLU A 193 1.90 5.47 -19.56
N ASP A 194 3.17 5.58 -19.19
CA ASP A 194 3.87 6.86 -19.26
C ASP A 194 5.38 6.61 -19.25
N ASP A 195 6.03 6.87 -20.38
CA ASP A 195 7.46 6.57 -20.54
C ASP A 195 8.40 7.43 -19.68
N THR A 196 7.88 8.50 -19.08
CA THR A 196 8.69 9.35 -18.19
C THR A 196 8.27 9.21 -16.73
N PHE A 197 7.55 8.14 -16.39
CA PHE A 197 6.95 8.02 -15.06
C PHE A 197 7.98 8.04 -13.93
N GLU A 198 9.08 7.30 -14.11
CA GLU A 198 10.15 7.25 -13.09
C GLU A 198 10.75 8.62 -12.82
N GLN A 199 11.04 9.36 -13.89
CA GLN A 199 11.61 10.70 -13.77
C GLN A 199 10.63 11.65 -13.06
N GLN A 200 9.35 11.52 -13.38
CA GLN A 200 8.29 12.30 -12.73
C GLN A 200 8.29 12.11 -11.23
N LEU A 201 8.42 10.86 -10.78
CA LEU A 201 8.49 10.54 -9.36
C LEU A 201 9.80 11.02 -8.71
N GLU A 202 10.92 10.89 -9.41
CA GLU A 202 12.19 11.44 -8.92
C GLU A 202 12.07 12.94 -8.68
N ASP A 203 11.43 13.64 -9.61
CA ASP A 203 11.22 15.09 -9.52
C ASP A 203 10.34 15.46 -8.32
N ILE A 204 9.22 14.77 -8.15
CA ILE A 204 8.32 15.02 -7.02
C ILE A 204 9.00 14.68 -5.70
N PHE A 205 9.69 13.54 -5.66
CA PHE A 205 10.39 13.14 -4.44
C PHE A 205 11.47 14.16 -4.05
N ALA A 206 12.21 14.66 -5.03
CA ALA A 206 13.23 15.69 -4.78
C ALA A 206 12.66 16.96 -4.12
N ASP A 207 11.43 17.33 -4.51
CA ASP A 207 10.76 18.50 -3.94
C ASP A 207 10.36 18.31 -2.47
N ILE A 208 9.91 17.10 -2.13
CA ILE A 208 9.41 16.80 -0.78
C ILE A 208 10.54 16.34 0.16
N ARG A 209 11.64 15.88 -0.42
CA ARG A 209 12.76 15.34 0.37
C ARG A 209 13.29 16.25 1.48
N PRO A 210 13.44 17.58 1.21
CA PRO A 210 13.90 18.48 2.27
C PRO A 210 12.98 18.51 3.50
N LEU A 211 11.66 18.47 3.29
CA LEU A 211 10.72 18.37 4.42
C LEU A 211 10.94 17.06 5.20
N TYR A 212 11.16 15.96 4.49
CA TYR A 212 11.45 14.68 5.15
C TYR A 212 12.71 14.76 6.02
N GLN A 213 13.75 15.42 5.51
CA GLN A 213 15.01 15.59 6.25
C GLN A 213 14.79 16.31 7.58
N GLN A 214 13.91 17.31 7.57
CA GLN A 214 13.57 18.09 8.76
C GLN A 214 12.82 17.26 9.80
N ILE A 215 11.89 16.42 9.33
CA ILE A 215 11.13 15.53 10.20
C ILE A 215 12.06 14.48 10.80
N HIS A 216 12.87 13.89 9.94
CA HIS A 216 13.90 12.92 10.36
C HIS A 216 14.76 13.52 11.47
N GLY A 217 15.31 14.71 11.22
CA GLY A 217 16.18 15.41 12.16
C GLY A 217 15.52 15.65 13.50
N TYR A 218 14.28 16.14 13.47
CA TYR A 218 13.53 16.40 14.69
C TYR A 218 13.21 15.13 15.48
N VAL A 219 12.77 14.08 14.78
CA VAL A 219 12.45 12.80 15.42
C VAL A 219 13.69 12.20 16.11
N ARG A 220 14.83 12.24 15.41
CA ARG A 220 16.11 11.78 15.96
C ARG A 220 16.49 12.56 17.22
N PHE A 221 16.36 13.89 17.17
CA PHE A 221 16.57 14.75 18.33
C PHE A 221 15.71 14.31 19.53
N ARG A 222 14.42 14.09 19.28
CA ARG A 222 13.50 13.71 20.34
C ARG A 222 13.76 12.30 20.88
N LEU A 223 14.15 11.38 20.01
CA LEU A 223 14.51 10.01 20.41
C LEU A 223 15.77 9.97 21.30
N ARG A 224 16.70 10.88 21.04
CA ARG A 224 17.90 11.02 21.87
C ARG A 224 17.57 11.40 23.32
N LYS A 225 16.56 12.27 23.48
CA LYS A 225 16.13 12.71 24.81
C LYS A 225 15.42 11.58 25.57
N HIS A 226 14.80 10.67 24.82
CA HIS A 226 14.09 9.53 25.41
C HIS A 226 15.02 8.35 25.73
N TYR A 227 15.80 7.93 24.74
CA TYR A 227 16.63 6.73 24.88
C TYR A 227 18.07 7.00 25.32
N GLY A 228 18.53 8.24 25.14
CA GLY A 228 19.91 8.60 25.45
C GLY A 228 20.83 8.39 24.26
N ASP A 229 22.01 9.02 24.32
CA ASP A 229 22.95 9.02 23.19
C ASP A 229 23.66 7.69 22.95
N ALA A 230 23.62 6.79 23.93
CA ALA A 230 24.17 5.45 23.76
C ALA A 230 23.32 4.61 22.77
N VAL A 231 22.05 4.95 22.65
CA VAL A 231 21.11 4.23 21.77
C VAL A 231 20.94 4.96 20.43
N VAL A 232 20.88 6.29 20.49
CA VAL A 232 20.64 7.12 19.32
C VAL A 232 21.73 8.19 19.20
N SER A 233 22.50 8.14 18.11
CA SER A 233 23.53 9.15 17.87
C SER A 233 22.92 10.38 17.19
N GLU A 234 23.56 11.52 17.35
CA GLU A 234 23.09 12.77 16.72
C GLU A 234 23.28 12.74 15.21
N THR A 235 24.34 12.09 14.76
CA THR A 235 24.79 12.25 13.37
C THR A 235 24.55 11.04 12.47
N GLY A 236 24.20 9.91 13.07
CA GLY A 236 24.02 8.67 12.32
C GLY A 236 22.56 8.39 11.93
N PRO A 237 22.34 7.36 11.10
CA PRO A 237 20.98 6.92 10.78
C PRO A 237 20.24 6.48 12.04
N ILE A 238 18.92 6.70 12.07
CA ILE A 238 18.11 6.31 13.20
C ILE A 238 17.98 4.78 13.28
N PRO A 239 18.26 4.19 14.46
CA PRO A 239 18.01 2.76 14.67
C PRO A 239 16.53 2.47 14.50
N MET A 240 16.22 1.64 13.51
CA MET A 240 14.85 1.55 12.98
C MET A 240 13.83 0.93 13.94
N HIS A 241 14.32 0.12 14.87
CA HIS A 241 13.46 -0.58 15.82
C HIS A 241 12.79 0.35 16.84
N LEU A 242 13.25 1.59 16.89
CA LEU A 242 12.70 2.61 17.80
C LEU A 242 11.58 3.42 17.16
N LEU A 243 11.24 3.11 15.91
CA LEU A 243 10.32 3.94 15.15
C LEU A 243 8.85 3.46 15.15
N GLY A 244 8.55 2.43 15.93
CA GLY A 244 7.17 2.00 16.16
C GLY A 244 6.54 1.12 15.09
N ASN A 245 7.38 0.65 14.18
CA ASN A 245 6.91 -0.17 13.06
C ASN A 245 8.03 -1.10 12.63
N MET A 246 7.69 -2.34 12.27
CA MET A 246 8.68 -3.37 11.96
C MET A 246 9.60 -2.97 10.80
N TRP A 247 9.09 -2.16 9.89
CA TRP A 247 9.82 -1.77 8.67
C TRP A 247 10.13 -0.27 8.65
N ALA A 248 9.78 0.41 9.73
CA ALA A 248 9.91 1.87 9.88
C ALA A 248 9.22 2.66 8.75
N GLN A 249 8.14 2.10 8.21
CA GLN A 249 7.43 2.70 7.07
C GLN A 249 6.61 3.93 7.47
N GLN A 250 6.12 3.93 8.71
CA GLN A 250 5.38 5.04 9.30
C GLN A 250 5.76 5.14 10.77
N TRP A 251 5.82 6.34 11.31
CA TRP A 251 6.30 6.51 12.70
C TRP A 251 5.25 7.02 13.69
N SER A 252 3.98 6.99 13.29
CA SER A 252 2.92 7.55 14.11
C SER A 252 2.75 6.87 15.48
N GLU A 253 3.21 5.63 15.59
CA GLU A 253 3.10 4.89 16.85
C GLU A 253 3.99 5.45 17.97
N ILE A 254 5.00 6.24 17.61
CA ILE A 254 5.89 6.87 18.60
C ILE A 254 5.59 8.37 18.77
N ALA A 255 4.43 8.80 18.30
CA ALA A 255 4.02 10.20 18.37
C ALA A 255 4.02 10.75 19.79
N ASP A 256 3.67 9.90 20.76
CA ASP A 256 3.58 10.31 22.17
C ASP A 256 4.92 10.73 22.78
N ILE A 257 6.03 10.29 22.18
CA ILE A 257 7.36 10.66 22.67
C ILE A 257 8.11 11.66 21.76
N VAL A 258 7.57 11.91 20.55
CA VAL A 258 8.21 12.85 19.60
C VAL A 258 7.32 14.03 19.21
N SER A 259 6.14 14.15 19.83
CA SER A 259 5.19 15.21 19.48
C SER A 259 5.69 16.60 19.86
N PRO A 260 5.54 17.58 18.95
CA PRO A 260 6.00 18.96 19.11
C PRO A 260 5.61 19.60 20.44
N PHE A 261 4.36 19.43 20.86
CA PHE A 261 3.84 20.03 22.08
C PHE A 261 3.21 18.96 22.97
N PRO A 262 4.03 18.32 23.82
CA PRO A 262 3.60 17.21 24.67
C PRO A 262 2.53 17.57 25.72
N GLU A 263 2.44 18.85 26.07
CA GLU A 263 1.45 19.30 27.05
C GLU A 263 0.10 19.62 26.38
N LYS A 264 0.07 19.53 25.06
CA LYS A 264 -1.15 19.77 24.29
C LYS A 264 -1.69 18.45 23.75
N PRO A 265 -2.98 18.43 23.32
CA PRO A 265 -3.62 17.18 22.91
C PRO A 265 -3.00 16.51 21.69
N LEU A 266 -2.84 15.19 21.80
CA LEU A 266 -2.42 14.36 20.68
C LEU A 266 -3.53 13.34 20.42
N VAL A 267 -4.04 13.34 19.19
CA VAL A 267 -5.18 12.50 18.85
C VAL A 267 -4.80 11.02 18.84
N ASP A 268 -5.42 10.26 19.74
CA ASP A 268 -5.24 8.82 19.83
C ASP A 268 -6.53 8.20 20.37
N VAL A 269 -7.41 7.79 19.47
CA VAL A 269 -8.79 7.44 19.83
C VAL A 269 -9.02 5.94 20.12
N SER A 270 -7.96 5.15 20.10
CA SER A 270 -8.05 3.71 20.36
C SER A 270 -8.72 3.39 21.68
N ALA A 271 -8.33 4.08 22.75
CA ALA A 271 -8.92 3.89 24.08
C ALA A 271 -10.42 4.21 24.11
N GLU A 272 -10.82 5.30 23.46
CA GLU A 272 -12.24 5.67 23.38
C GLU A 272 -13.07 4.68 22.57
N MET A 273 -12.49 4.13 21.50
CA MET A 273 -13.13 3.09 20.70
C MET A 273 -13.43 1.87 21.58
N GLU A 274 -12.44 1.44 22.35
CA GLU A 274 -12.61 0.32 23.28
C GLU A 274 -13.62 0.64 24.37
N LYS A 275 -13.58 1.87 24.88
CA LYS A 275 -14.51 2.32 25.93
C LYS A 275 -15.96 2.30 25.44
N GLN A 276 -16.18 2.69 24.18
CA GLN A 276 -17.52 2.71 23.59
C GLN A 276 -17.98 1.36 23.06
N GLY A 277 -17.14 0.34 23.21
CA GLY A 277 -17.49 -1.03 22.82
C GLY A 277 -17.46 -1.30 21.32
N TYR A 278 -16.61 -0.56 20.60
CA TYR A 278 -16.40 -0.79 19.18
C TYR A 278 -16.03 -2.24 18.88
N THR A 279 -16.51 -2.73 17.74
CA THR A 279 -16.17 -4.06 17.23
C THR A 279 -15.72 -3.90 15.78
N PRO A 280 -15.03 -4.93 15.23
CA PRO A 280 -14.73 -4.93 13.80
C PRO A 280 -15.98 -4.68 12.96
N LEU A 281 -17.08 -5.34 13.27
CA LEU A 281 -18.35 -5.14 12.55
C LEU A 281 -18.81 -3.68 12.55
N LYS A 282 -18.77 -3.04 13.72
CA LYS A 282 -19.12 -1.62 13.87
C LYS A 282 -18.22 -0.72 13.01
N MET A 283 -16.92 -1.02 13.01
CA MET A 283 -15.95 -0.25 12.22
C MET A 283 -16.26 -0.32 10.72
N PHE A 284 -16.54 -1.53 10.22
CA PHE A 284 -16.91 -1.71 8.82
C PHE A 284 -18.23 -1.03 8.47
N GLN A 285 -19.20 -1.11 9.38
CA GLN A 285 -20.49 -0.44 9.20
C GLN A 285 -20.33 1.07 9.14
N MET A 286 -19.39 1.59 9.92
CA MET A 286 -19.08 3.02 9.93
C MET A 286 -18.40 3.45 8.63
N GLY A 287 -17.52 2.59 8.12
CA GLY A 287 -16.89 2.82 6.82
C GLY A 287 -17.94 2.88 5.72
N ASP A 288 -18.84 1.90 5.72
CA ASP A 288 -19.98 1.84 4.79
C ASP A 288 -20.78 3.13 4.86
N ASP A 289 -21.08 3.57 6.08
CA ASP A 289 -21.76 4.83 6.34
C ASP A 289 -21.06 6.02 5.68
N PHE A 290 -19.73 6.07 5.77
CA PHE A 290 -18.98 7.17 5.16
C PHE A 290 -19.18 7.23 3.64
N PHE A 291 -19.01 6.10 2.97
CA PHE A 291 -19.21 6.03 1.52
C PHE A 291 -20.63 6.42 1.12
N THR A 292 -21.63 5.81 1.77
CA THR A 292 -23.03 6.08 1.44
C THR A 292 -23.43 7.53 1.73
N SER A 293 -22.81 8.13 2.74
CA SER A 293 -23.06 9.53 3.10
C SER A 293 -22.62 10.48 1.98
N MET A 294 -21.69 10.01 1.16
CA MET A 294 -21.20 10.78 0.01
C MET A 294 -22.00 10.45 -1.26
N ASN A 295 -23.08 9.69 -1.11
CA ASN A 295 -23.92 9.26 -2.23
C ASN A 295 -23.22 8.20 -3.10
N LEU A 296 -22.28 7.50 -2.50
CA LEU A 296 -21.60 6.40 -3.16
C LEU A 296 -22.29 5.08 -2.81
N THR A 297 -21.76 3.97 -3.31
CA THR A 297 -22.46 2.69 -3.28
C THR A 297 -22.37 1.93 -1.96
N LYS A 298 -23.52 1.49 -1.47
CA LYS A 298 -23.65 0.70 -0.26
C LYS A 298 -23.06 -0.70 -0.44
N LEU A 299 -22.43 -1.24 0.60
CA LEU A 299 -21.89 -2.59 0.56
C LEU A 299 -23.02 -3.61 0.34
N PRO A 300 -22.84 -4.54 -0.60
CA PRO A 300 -23.89 -5.52 -0.88
C PRO A 300 -23.90 -6.64 0.15
N GLN A 301 -24.95 -7.45 0.15
CA GLN A 301 -25.15 -8.50 1.13
C GLN A 301 -24.05 -9.58 1.09
N ASP A 302 -23.56 -9.90 -0.11
CA ASP A 302 -22.44 -10.83 -0.28
C ASP A 302 -21.24 -10.43 0.58
N PHE A 303 -20.97 -9.13 0.63
CA PHE A 303 -19.85 -8.61 1.42
C PHE A 303 -19.97 -9.02 2.89
N TRP A 304 -21.11 -8.72 3.50
CA TRP A 304 -21.35 -9.04 4.91
C TRP A 304 -21.40 -10.54 5.15
N ASP A 305 -22.00 -11.28 4.20
CA ASP A 305 -22.14 -12.73 4.33
C ASP A 305 -20.83 -13.49 4.22
N LYS A 306 -19.90 -12.97 3.41
CA LYS A 306 -18.74 -13.73 2.99
C LYS A 306 -17.38 -13.23 3.50
N SER A 307 -17.33 -11.95 3.89
CA SER A 307 -16.06 -11.37 4.36
C SER A 307 -15.58 -12.03 5.66
N ILE A 308 -14.27 -11.98 5.87
CA ILE A 308 -13.67 -12.33 7.15
C ILE A 308 -13.14 -11.02 7.74
N ILE A 309 -13.73 -10.59 8.85
CA ILE A 309 -13.36 -9.30 9.45
C ILE A 309 -12.75 -9.44 10.85
N GLU A 310 -12.56 -10.67 11.30
CA GLU A 310 -11.84 -10.96 12.54
C GLU A 310 -10.92 -12.14 12.33
N LYS A 311 -9.78 -12.14 13.02
CA LYS A 311 -8.87 -13.29 12.97
C LYS A 311 -9.57 -14.52 13.55
N PRO A 312 -9.62 -15.62 12.78
CA PRO A 312 -10.19 -16.88 13.23
C PRO A 312 -9.56 -17.37 14.53
N THR A 313 -10.37 -17.97 15.40
CA THR A 313 -9.91 -18.39 16.73
C THR A 313 -9.62 -19.88 16.85
N ASP A 314 -9.73 -20.60 15.74
CA ASP A 314 -9.24 -21.99 15.66
C ASP A 314 -7.72 -21.96 15.46
N GLY A 315 -7.10 -23.13 15.35
CA GLY A 315 -5.63 -23.18 15.25
C GLY A 315 -5.03 -22.95 13.86
N ARG A 316 -5.87 -22.56 12.90
CA ARG A 316 -5.47 -22.57 11.49
C ARG A 316 -4.45 -21.51 11.10
N ASP A 317 -3.70 -21.80 10.05
CA ASP A 317 -2.79 -20.84 9.44
C ASP A 317 -3.56 -20.06 8.37
N LEU A 318 -3.30 -18.76 8.31
CA LEU A 318 -3.90 -17.90 7.29
C LEU A 318 -3.02 -16.67 7.06
N VAL A 319 -3.30 -15.96 5.97
CA VAL A 319 -2.65 -14.69 5.69
C VAL A 319 -3.44 -13.59 6.40
N CYS A 320 -2.83 -12.94 7.39
CA CYS A 320 -3.50 -11.86 8.12
C CYS A 320 -3.19 -10.46 7.59
N HIS A 321 -2.27 -10.34 6.64
CA HIS A 321 -2.14 -9.06 5.96
C HIS A 321 -3.44 -8.83 5.19
N ALA A 322 -4.09 -7.70 5.45
CA ALA A 322 -5.42 -7.43 4.93
C ALA A 322 -5.44 -7.39 3.39
N SER A 323 -6.60 -7.71 2.81
CA SER A 323 -6.79 -7.68 1.35
C SER A 323 -8.26 -7.51 0.98
N ALA A 324 -8.49 -6.83 -0.14
CA ALA A 324 -9.82 -6.67 -0.71
C ALA A 324 -9.93 -7.48 -2.01
N TRP A 325 -11.10 -8.04 -2.24
CA TRP A 325 -11.28 -9.05 -3.28
C TRP A 325 -12.45 -8.74 -4.21
N ASP A 326 -12.17 -8.80 -5.51
CA ASP A 326 -13.20 -8.69 -6.53
C ASP A 326 -13.37 -10.06 -7.19
N PHE A 327 -14.60 -10.56 -7.22
CA PHE A 327 -14.86 -11.89 -7.78
C PHE A 327 -15.43 -11.86 -9.20
N TYR A 328 -15.51 -10.65 -9.76
CA TYR A 328 -15.80 -10.41 -11.19
C TYR A 328 -17.19 -10.84 -11.65
N LEU A 329 -18.12 -10.93 -10.72
CA LEU A 329 -19.52 -11.17 -11.08
C LEU A 329 -20.27 -9.86 -10.85
N THR A 330 -21.42 -9.93 -10.19
CA THR A 330 -22.11 -8.73 -9.75
C THR A 330 -22.21 -8.78 -8.22
N ASP A 331 -21.67 -7.76 -7.57
CA ASP A 331 -21.78 -7.57 -6.11
C ASP A 331 -21.09 -8.61 -5.23
N ASP A 332 -20.35 -9.53 -5.84
CA ASP A 332 -19.57 -10.47 -5.05
C ASP A 332 -18.20 -9.85 -4.79
N VAL A 333 -18.13 -9.10 -3.70
CA VAL A 333 -16.91 -8.44 -3.25
C VAL A 333 -16.68 -8.76 -1.76
N ARG A 334 -15.42 -8.84 -1.35
CA ARG A 334 -15.05 -9.39 -0.06
C ARG A 334 -13.80 -8.74 0.53
N ILE A 335 -13.74 -8.72 1.86
CA ILE A 335 -12.52 -8.31 2.58
C ILE A 335 -12.11 -9.43 3.53
N LYS A 336 -10.80 -9.64 3.63
CA LYS A 336 -10.23 -10.46 4.68
C LYS A 336 -9.29 -9.57 5.49
N GLN A 337 -9.72 -9.24 6.70
CA GLN A 337 -8.90 -8.43 7.61
C GLN A 337 -8.96 -9.02 9.02
N CYS A 338 -7.79 -9.16 9.64
CA CYS A 338 -7.70 -9.57 11.04
C CYS A 338 -7.84 -8.31 11.91
N THR A 339 -9.06 -7.78 11.92
CA THR A 339 -9.34 -6.43 12.44
C THR A 339 -9.13 -6.31 13.96
N ARG A 340 -8.48 -5.23 14.34
CA ARG A 340 -8.32 -4.87 15.75
C ARG A 340 -8.95 -3.51 15.97
N VAL A 341 -9.37 -3.25 17.22
CA VAL A 341 -10.06 -2.01 17.55
C VAL A 341 -9.04 -0.91 17.94
N THR A 342 -8.48 -0.27 16.92
CA THR A 342 -7.51 0.83 17.11
C THR A 342 -7.78 1.93 16.10
N GLN A 343 -7.22 3.11 16.36
CA GLN A 343 -7.31 4.24 15.43
C GLN A 343 -6.73 3.89 14.05
N ASP A 344 -5.52 3.32 14.05
CA ASP A 344 -4.85 2.91 12.82
C ASP A 344 -5.69 1.93 12.01
N GLN A 345 -6.32 0.97 12.69
CA GLN A 345 -7.17 -0.02 12.04
C GLN A 345 -8.45 0.58 11.46
N LEU A 346 -8.95 1.65 12.10
CA LEU A 346 -10.11 2.37 11.58
C LEU A 346 -9.79 2.98 10.22
N PHE A 347 -8.58 3.51 10.07
CA PHE A 347 -8.11 4.01 8.78
C PHE A 347 -7.94 2.88 7.77
N THR A 348 -7.36 1.76 8.23
CA THR A 348 -7.19 0.57 7.38
C THR A 348 -8.53 0.07 6.82
N VAL A 349 -9.57 0.09 7.65
CA VAL A 349 -10.92 -0.31 7.21
C VAL A 349 -11.38 0.58 6.05
N HIS A 350 -11.17 1.88 6.16
CA HIS A 350 -11.57 2.82 5.11
C HIS A 350 -10.71 2.65 3.84
N HIS A 351 -9.43 2.32 4.03
CA HIS A 351 -8.55 2.00 2.90
C HIS A 351 -9.10 0.82 2.12
N GLU A 352 -9.42 -0.25 2.85
CA GLU A 352 -9.95 -1.49 2.27
C GLU A 352 -11.26 -1.26 1.54
N LEU A 353 -12.14 -0.44 2.14
CA LEU A 353 -13.44 -0.17 1.57
C LEU A 353 -13.34 0.72 0.34
N GLY A 354 -12.22 1.45 0.24
CA GLY A 354 -11.88 2.20 -0.97
C GLY A 354 -11.67 1.28 -2.16
N HIS A 355 -10.97 0.17 -1.93
CA HIS A 355 -10.80 -0.88 -2.94
C HIS A 355 -12.16 -1.47 -3.34
N ILE A 356 -12.96 -1.81 -2.34
CA ILE A 356 -14.29 -2.41 -2.57
C ILE A 356 -15.19 -1.47 -3.37
N GLN A 357 -15.19 -0.19 -3.01
CA GLN A 357 -15.99 0.81 -3.72
C GLN A 357 -15.60 0.89 -5.20
N TYR A 358 -14.29 0.87 -5.46
CA TYR A 358 -13.77 0.87 -6.83
C TYR A 358 -14.30 -0.36 -7.59
N PHE A 359 -14.27 -1.54 -6.96
CA PHE A 359 -14.83 -2.76 -7.56
C PHE A 359 -16.28 -2.57 -8.00
N LEU A 360 -17.09 -1.99 -7.10
CA LEU A 360 -18.51 -1.79 -7.34
C LEU A 360 -18.77 -0.73 -8.41
N GLN A 361 -17.93 0.30 -8.42
CA GLN A 361 -18.08 1.41 -9.36
C GLN A 361 -17.79 1.01 -10.81
N TYR A 362 -16.88 0.07 -11.00
CA TYR A 362 -16.52 -0.34 -12.37
C TYR A 362 -16.97 -1.74 -12.81
N GLN A 363 -17.80 -2.40 -12.00
CA GLN A 363 -18.21 -3.79 -12.29
C GLN A 363 -19.03 -3.95 -13.58
N HIS A 364 -19.53 -2.84 -14.12
CA HIS A 364 -20.30 -2.83 -15.37
C HIS A 364 -19.38 -2.73 -16.59
N GLN A 365 -18.10 -2.43 -16.36
CA GLN A 365 -17.11 -2.34 -17.43
C GLN A 365 -16.75 -3.72 -17.96
N PRO A 366 -16.29 -3.79 -19.23
CA PRO A 366 -15.72 -5.05 -19.72
C PRO A 366 -14.57 -5.50 -18.82
N PHE A 367 -14.42 -6.82 -18.70
CA PHE A 367 -13.43 -7.40 -17.78
C PHE A 367 -12.07 -6.69 -17.77
N VAL A 368 -11.52 -6.41 -18.95
CA VAL A 368 -10.16 -5.83 -19.04
C VAL A 368 -10.08 -4.42 -18.45
N TYR A 369 -11.23 -3.76 -18.32
CA TYR A 369 -11.31 -2.42 -17.74
C TYR A 369 -11.65 -2.43 -16.24
N ARG A 370 -11.89 -3.62 -15.69
CA ARG A 370 -12.26 -3.76 -14.28
C ARG A 370 -11.01 -3.80 -13.39
N THR A 371 -10.29 -2.68 -13.39
CA THR A 371 -9.12 -2.45 -12.54
C THR A 371 -8.91 -0.95 -12.43
N GLY A 372 -7.97 -0.51 -11.62
CA GLY A 372 -7.73 0.92 -11.40
C GLY A 372 -7.19 1.62 -12.63
N ALA A 373 -7.45 2.92 -12.75
CA ALA A 373 -6.91 3.73 -13.84
C ALA A 373 -5.38 3.55 -13.92
N ASN A 374 -4.73 3.59 -12.76
CA ASN A 374 -3.40 2.98 -12.57
C ASN A 374 -3.34 2.41 -11.14
N PRO A 375 -2.33 1.56 -10.84
CA PRO A 375 -2.37 0.94 -9.50
C PRO A 375 -2.43 1.94 -8.35
N GLY A 376 -1.88 3.14 -8.55
CA GLY A 376 -1.92 4.19 -7.52
C GLY A 376 -3.32 4.72 -7.20
N PHE A 377 -4.18 4.76 -8.22
CA PHE A 377 -5.56 5.20 -8.05
C PHE A 377 -6.32 4.30 -7.10
N HIS A 378 -6.14 2.99 -7.24
CA HIS A 378 -6.84 2.02 -6.41
C HIS A 378 -6.46 2.17 -4.94
N GLU A 379 -5.17 2.42 -4.68
CA GLU A 379 -4.67 2.60 -3.32
C GLU A 379 -5.09 3.94 -2.69
N ALA A 380 -5.36 4.93 -3.54
CA ALA A 380 -5.67 6.30 -3.09
C ALA A 380 -7.09 6.51 -2.58
N VAL A 381 -8.06 5.80 -3.16
CA VAL A 381 -9.49 6.03 -2.89
C VAL A 381 -9.80 6.11 -1.39
N GLY A 382 -9.56 5.01 -0.67
CA GLY A 382 -9.89 4.90 0.74
C GLY A 382 -9.09 5.83 1.62
N ASP A 383 -7.87 6.14 1.21
CA ASP A 383 -7.01 7.07 1.94
C ASP A 383 -7.53 8.50 1.96
N VAL A 384 -8.21 8.89 0.88
CA VAL A 384 -8.85 10.21 0.81
C VAL A 384 -9.89 10.36 1.93
N LEU A 385 -10.66 9.29 2.16
CA LEU A 385 -11.65 9.30 3.24
C LEU A 385 -10.94 9.26 4.59
N SER A 386 -9.93 8.41 4.71
CA SER A 386 -9.12 8.27 5.92
C SER A 386 -8.51 9.59 6.37
N LEU A 387 -8.10 10.43 5.41
CA LEU A 387 -7.59 11.76 5.72
C LEU A 387 -8.62 12.60 6.46
N SER A 388 -9.88 12.52 6.03
CA SER A 388 -10.93 13.28 6.70
C SER A 388 -11.38 12.58 8.00
N VAL A 389 -11.40 11.25 7.99
CA VAL A 389 -11.71 10.48 9.22
C VAL A 389 -10.74 10.85 10.33
N SER A 390 -9.48 11.11 9.96
CA SER A 390 -8.41 11.37 10.92
C SER A 390 -8.45 12.78 11.52
N THR A 391 -9.21 13.69 10.91
CA THR A 391 -9.30 15.06 11.40
C THR A 391 -9.99 15.12 12.76
N PRO A 392 -9.52 16.03 13.63
CA PRO A 392 -10.26 16.33 14.86
C PRO A 392 -11.73 16.65 14.56
N LYS A 393 -11.99 17.39 13.48
CA LYS A 393 -13.36 17.70 13.07
C LYS A 393 -14.25 16.46 13.03
N HIS A 394 -13.85 15.45 12.26
CA HIS A 394 -14.64 14.24 12.13
C HIS A 394 -14.68 13.42 13.40
N LEU A 395 -13.55 13.31 14.09
CA LEU A 395 -13.44 12.45 15.27
C LEU A 395 -14.28 12.96 16.43
N GLU A 396 -14.49 14.27 16.49
CA GLU A 396 -15.40 14.89 17.45
C GLU A 396 -16.87 14.56 17.12
N LYS A 397 -17.21 14.60 15.82
CA LYS A 397 -18.55 14.26 15.35
C LYS A 397 -18.99 12.85 15.79
N ILE A 398 -18.06 11.90 15.77
CA ILE A 398 -18.37 10.53 16.11
C ILE A 398 -18.07 10.19 17.58
N GLY A 399 -17.80 11.23 18.37
CA GLY A 399 -17.63 11.10 19.81
C GLY A 399 -16.40 10.35 20.27
N LEU A 400 -15.40 10.25 19.39
CA LEU A 400 -14.16 9.55 19.72
C LEU A 400 -13.08 10.48 20.28
N LEU A 401 -13.23 11.77 20.00
CA LEU A 401 -12.30 12.78 20.50
C LEU A 401 -13.05 13.77 21.40
N LYS A 402 -12.67 13.80 22.67
CA LYS A 402 -13.38 14.61 23.68
C LYS A 402 -12.50 15.72 24.27
N ASP A 403 -13.14 16.82 24.66
CA ASP A 403 -12.48 17.97 25.29
C ASP A 403 -11.25 18.46 24.53
N TYR A 404 -11.41 18.60 23.21
CA TYR A 404 -10.31 18.98 22.34
C TYR A 404 -10.35 20.47 22.05
N VAL A 405 -9.23 21.15 22.28
CA VAL A 405 -9.08 22.57 21.95
C VAL A 405 -8.10 22.71 20.79
N ARG A 406 -8.63 23.11 19.63
CA ARG A 406 -7.82 23.19 18.42
C ARG A 406 -7.11 24.55 18.33
N ASP A 407 -6.11 24.75 19.20
CA ASP A 407 -5.26 25.93 19.10
C ASP A 407 -4.10 25.68 18.12
N ASP A 408 -3.19 26.65 18.00
CA ASP A 408 -2.05 26.55 17.10
C ASP A 408 -1.15 25.36 17.42
N GLU A 409 -0.96 25.09 18.71
CA GLU A 409 -0.08 24.02 19.15
C GLU A 409 -0.68 22.63 18.89
N ALA A 410 -1.99 22.49 19.16
CA ALA A 410 -2.70 21.26 18.85
C ALA A 410 -2.70 20.99 17.35
N ARG A 411 -2.77 22.05 16.54
CA ARG A 411 -2.75 21.90 15.08
C ARG A 411 -1.40 21.36 14.57
N ILE A 412 -0.31 21.91 15.11
CA ILE A 412 1.04 21.43 14.78
C ILE A 412 1.20 19.96 15.18
N ASN A 413 0.71 19.60 16.38
CA ASN A 413 0.72 18.20 16.82
C ASN A 413 0.03 17.27 15.82
N GLN A 414 -1.13 17.69 15.33
CA GLN A 414 -1.94 16.89 14.40
C GLN A 414 -1.30 16.79 13.02
N LEU A 415 -0.80 17.92 12.51
CA LEU A 415 -0.06 17.95 11.25
C LEU A 415 1.18 17.07 11.31
N PHE A 416 1.91 17.14 12.43
CA PHE A 416 3.11 16.33 12.61
C PHE A 416 2.74 14.86 12.63
N LEU A 417 1.66 14.54 13.34
CA LEU A 417 1.16 13.17 13.44
C LEU A 417 0.85 12.62 12.05
N THR A 418 0.20 13.44 11.22
CA THR A 418 -0.13 13.07 9.85
C THR A 418 1.14 12.88 9.01
N ALA A 419 2.12 13.78 9.19
CA ALA A 419 3.40 13.70 8.48
C ALA A 419 4.16 12.42 8.80
N LEU A 420 4.07 11.98 10.06
CA LEU A 420 4.71 10.74 10.50
C LEU A 420 4.14 9.52 9.77
N ASP A 421 2.93 9.69 9.24
CA ASP A 421 2.28 8.67 8.41
C ASP A 421 2.50 8.92 6.91
N LYS A 422 2.41 10.18 6.48
CA LYS A 422 2.32 10.49 5.05
C LYS A 422 3.63 10.90 4.38
N ILE A 423 4.44 11.70 5.06
CA ILE A 423 5.73 12.14 4.51
C ILE A 423 6.81 11.08 4.71
N VAL A 424 6.92 10.59 5.95
CA VAL A 424 7.86 9.52 6.31
C VAL A 424 7.78 8.31 5.37
N PHE A 425 6.57 7.99 4.92
CA PHE A 425 6.32 6.85 4.06
C PHE A 425 6.93 6.97 2.66
N LEU A 426 7.07 8.19 2.16
CA LEU A 426 7.49 8.39 0.77
C LEU A 426 8.85 7.78 0.40
N PRO A 427 9.93 8.10 1.15
CA PRO A 427 11.19 7.43 0.82
C PRO A 427 11.11 5.93 1.02
N PHE A 428 10.40 5.48 2.05
CA PHE A 428 10.23 4.03 2.27
C PHE A 428 9.66 3.34 1.04
N ALA A 429 8.51 3.82 0.56
CA ALA A 429 7.82 3.25 -0.59
C ALA A 429 8.67 3.26 -1.86
N PHE A 430 9.40 4.35 -2.09
CA PHE A 430 10.27 4.45 -3.25
C PHE A 430 11.33 3.34 -3.20
N THR A 431 11.92 3.11 -2.03
CA THR A 431 13.00 2.12 -1.90
C THR A 431 12.54 0.68 -2.11
N MET A 432 11.30 0.37 -1.79
CA MET A 432 10.78 -1.00 -1.94
C MET A 432 10.90 -1.45 -3.39
N ASP A 433 10.54 -0.55 -4.31
CA ASP A 433 10.62 -0.87 -5.73
C ASP A 433 11.96 -0.50 -6.37
N LYS A 434 12.63 0.55 -5.87
CA LYS A 434 13.99 0.83 -6.36
C LYS A 434 14.87 -0.40 -6.14
N TYR A 435 14.69 -1.05 -4.99
CA TYR A 435 15.43 -2.28 -4.68
C TYR A 435 15.10 -3.41 -5.64
N ARG A 436 13.80 -3.72 -5.77
CA ARG A 436 13.39 -4.83 -6.62
C ARG A 436 13.67 -4.56 -8.09
N TRP A 437 13.47 -3.32 -8.54
CA TRP A 437 13.86 -2.94 -9.90
C TRP A 437 15.34 -3.25 -10.16
N SER A 438 16.22 -2.90 -9.22
CA SER A 438 17.65 -3.11 -9.43
C SER A 438 18.01 -4.59 -9.52
N LEU A 439 17.30 -5.44 -8.77
CA LEU A 439 17.48 -6.89 -8.89
C LEU A 439 16.92 -7.40 -10.22
N PHE A 440 15.71 -6.93 -10.57
CA PHE A 440 15.05 -7.31 -11.83
C PHE A 440 15.91 -6.97 -13.04
N ARG A 441 16.49 -5.77 -13.00
CA ARG A 441 17.31 -5.24 -14.11
C ARG A 441 18.71 -5.84 -14.15
N GLY A 442 19.04 -6.67 -13.16
CA GLY A 442 20.36 -7.32 -13.09
C GLY A 442 21.49 -6.36 -12.76
N GLU A 443 21.16 -5.31 -12.02
CA GLU A 443 22.11 -4.25 -11.68
C GLU A 443 22.92 -4.55 -10.41
N VAL A 444 22.50 -5.56 -9.65
CA VAL A 444 23.19 -5.93 -8.41
C VAL A 444 23.59 -7.40 -8.49
N ASP A 445 24.86 -7.69 -8.23
CA ASP A 445 25.34 -9.08 -8.16
C ASP A 445 24.78 -9.76 -6.92
N LYS A 446 24.45 -11.05 -7.06
CA LYS A 446 23.86 -11.86 -5.98
C LYS A 446 24.62 -11.78 -4.65
N ALA A 447 25.93 -11.61 -4.74
CA ALA A 447 26.79 -11.49 -3.56
C ALA A 447 26.53 -10.20 -2.77
N ASN A 448 25.85 -9.24 -3.39
CA ASN A 448 25.61 -7.92 -2.77
C ASN A 448 24.14 -7.59 -2.53
N TRP A 449 23.26 -8.61 -2.60
CA TRP A 449 21.81 -8.39 -2.55
C TRP A 449 21.28 -7.84 -1.23
N ASN A 450 21.81 -8.30 -0.09
CA ASN A 450 21.30 -7.81 1.18
C ASN A 450 21.73 -6.39 1.50
N CYS A 451 23.01 -6.08 1.30
CA CYS A 451 23.48 -4.75 1.65
C CYS A 451 23.01 -3.71 0.63
N ALA A 452 22.67 -4.16 -0.59
CA ALA A 452 22.01 -3.29 -1.56
C ALA A 452 20.66 -2.81 -1.03
N PHE A 453 19.98 -3.66 -0.27
CA PHE A 453 18.71 -3.30 0.37
C PHE A 453 18.94 -2.25 1.46
N TRP A 454 19.82 -2.55 2.40
CA TRP A 454 20.07 -1.63 3.50
C TRP A 454 20.71 -0.31 3.07
N LYS A 455 21.50 -0.36 1.98
CA LYS A 455 22.07 0.86 1.39
C LYS A 455 21.00 1.83 0.91
N LEU A 456 19.96 1.31 0.26
CA LEU A 456 18.82 2.15 -0.16
C LEU A 456 18.04 2.70 1.02
N ARG A 457 17.79 1.85 2.02
CA ARG A 457 17.08 2.26 3.23
C ARG A 457 17.84 3.38 3.94
N ASP A 458 19.17 3.27 3.96
CA ASP A 458 20.06 4.31 4.49
C ASP A 458 19.96 5.58 3.63
N GLU A 459 20.30 5.46 2.35
CA GLU A 459 20.36 6.61 1.44
C GLU A 459 19.07 7.45 1.44
N TYR A 460 17.92 6.78 1.35
CA TYR A 460 16.65 7.49 1.20
C TYR A 460 15.94 7.84 2.51
N SER A 461 15.93 6.89 3.46
CA SER A 461 15.17 7.06 4.71
C SER A 461 16.02 7.41 5.94
N GLY A 462 17.33 7.19 5.87
CA GLY A 462 18.21 7.50 6.98
C GLY A 462 17.90 6.67 8.21
N ILE A 463 17.54 5.41 7.97
CA ILE A 463 17.32 4.44 9.04
C ILE A 463 18.27 3.26 8.82
N GLU A 464 18.42 2.42 9.85
CA GLU A 464 19.31 1.27 9.77
C GLU A 464 18.85 0.19 10.75
N PRO A 465 19.25 -1.07 10.51
CA PRO A 465 18.96 -2.17 11.45
C PRO A 465 19.50 -1.92 12.86
N PRO A 466 18.86 -2.52 13.88
CA PRO A 466 19.31 -2.37 15.26
C PRO A 466 20.61 -3.11 15.55
N VAL A 467 20.90 -4.11 14.71
CA VAL A 467 22.09 -4.93 14.85
C VAL A 467 22.78 -5.03 13.50
N VAL A 468 24.05 -5.41 13.52
CA VAL A 468 24.83 -5.62 12.30
C VAL A 468 24.29 -6.79 11.49
N ARG A 469 23.98 -6.52 10.22
CA ARG A 469 23.57 -7.54 9.25
C ARG A 469 24.70 -7.75 8.25
N SER A 470 24.64 -8.85 7.51
CA SER A 470 25.62 -9.12 6.47
C SER A 470 24.94 -9.81 5.30
N GLU A 471 25.73 -10.31 4.35
CA GLU A 471 25.19 -11.07 3.23
C GLU A 471 24.79 -12.50 3.64
N LYS A 472 25.05 -12.84 4.90
CA LYS A 472 24.53 -14.08 5.48
C LYS A 472 23.04 -13.95 5.82
N ASP A 473 22.56 -12.71 5.92
CA ASP A 473 21.13 -12.45 6.15
C ASP A 473 20.49 -12.05 4.83
N PHE A 474 19.16 -12.13 4.77
CA PHE A 474 18.42 -11.63 3.61
C PHE A 474 17.10 -11.01 4.04
N ASP A 475 17.10 -9.68 4.15
CA ASP A 475 16.08 -8.98 4.92
C ASP A 475 14.87 -8.44 4.16
N ALA A 476 15.01 -8.27 2.86
CA ALA A 476 13.92 -7.71 2.04
C ALA A 476 12.57 -8.42 2.17
N PRO A 477 12.55 -9.78 2.15
CA PRO A 477 11.26 -10.49 2.21
C PRO A 477 10.57 -10.46 3.57
N ALA A 478 11.21 -9.90 4.58
CA ALA A 478 10.55 -9.69 5.88
C ALA A 478 9.41 -8.68 5.75
N LYS A 479 9.34 -8.00 4.61
CA LYS A 479 8.24 -7.10 4.29
C LYS A 479 7.22 -7.85 3.42
N TYR A 480 5.95 -7.84 3.84
CA TYR A 480 4.91 -8.66 3.22
C TYR A 480 4.93 -8.62 1.69
N HIS A 481 4.88 -7.40 1.14
CA HIS A 481 4.78 -7.19 -0.31
C HIS A 481 5.94 -7.81 -1.09
N ILE A 482 7.11 -7.90 -0.45
CA ILE A 482 8.28 -8.50 -1.11
C ILE A 482 8.16 -10.03 -1.16
N SER A 483 7.76 -10.64 -0.04
CA SER A 483 7.46 -12.08 -0.02
C SER A 483 6.29 -12.45 -0.91
N ALA A 484 5.30 -11.55 -1.00
CA ALA A 484 4.05 -11.82 -1.72
C ALA A 484 4.03 -11.32 -3.18
N ASP A 485 5.16 -10.79 -3.64
CA ASP A 485 5.27 -10.31 -5.02
C ASP A 485 4.16 -9.30 -5.37
N VAL A 486 4.07 -8.25 -4.57
CA VAL A 486 3.11 -7.18 -4.81
C VAL A 486 3.90 -5.91 -5.11
N GLU A 487 3.70 -5.34 -6.30
CA GLU A 487 4.34 -4.09 -6.68
C GLU A 487 4.06 -3.01 -5.64
N TYR A 488 5.08 -2.22 -5.29
CA TYR A 488 4.93 -1.24 -4.21
C TYR A 488 4.81 0.22 -4.66
N LEU A 489 5.20 0.50 -5.90
CA LEU A 489 5.18 1.88 -6.40
C LEU A 489 3.79 2.47 -6.29
N ARG A 490 2.77 1.63 -6.44
CA ARG A 490 1.37 2.01 -6.26
C ARG A 490 1.15 2.86 -5.00
N TYR A 491 1.87 2.55 -3.93
CA TYR A 491 1.69 3.29 -2.67
C TYR A 491 2.38 4.65 -2.67
N LEU A 492 3.53 4.74 -3.34
CA LEU A 492 4.18 6.04 -3.50
C LEU A 492 3.28 6.94 -4.34
N VAL A 493 2.77 6.41 -5.45
CA VAL A 493 1.87 7.16 -6.32
C VAL A 493 0.63 7.60 -5.54
N SER A 494 0.02 6.66 -4.82
CA SER A 494 -1.14 6.95 -3.97
C SER A 494 -0.93 8.09 -2.98
N PHE A 495 0.18 8.05 -2.26
CA PHE A 495 0.43 9.05 -1.21
C PHE A 495 0.63 10.45 -1.77
N ILE A 496 0.99 10.54 -3.05
CA ILE A 496 1.05 11.81 -3.77
C ILE A 496 -0.33 12.23 -4.29
N ILE A 497 -0.94 11.39 -5.11
CA ILE A 497 -2.21 11.74 -5.77
C ILE A 497 -3.41 11.86 -4.82
N GLN A 498 -3.37 11.15 -3.69
CA GLN A 498 -4.46 11.23 -2.72
C GLN A 498 -4.67 12.65 -2.16
N PHE A 499 -3.60 13.44 -2.14
CA PHE A 499 -3.71 14.83 -1.71
C PHE A 499 -4.29 15.71 -2.81
N GLN A 500 -4.04 15.36 -4.06
CA GLN A 500 -4.71 16.00 -5.20
C GLN A 500 -6.21 15.71 -5.12
N PHE A 501 -6.58 14.45 -4.88
CA PHE A 501 -7.98 14.07 -4.70
C PHE A 501 -8.61 14.74 -3.47
N TYR A 502 -7.93 14.69 -2.33
CA TYR A 502 -8.42 15.28 -1.08
C TYR A 502 -8.66 16.78 -1.20
N LYS A 503 -7.66 17.50 -1.71
CA LYS A 503 -7.77 18.93 -1.92
C LYS A 503 -9.01 19.28 -2.75
N SER A 504 -9.15 18.62 -3.89
CA SER A 504 -10.28 18.86 -4.80
C SER A 504 -11.61 18.47 -4.19
N ALA A 505 -11.65 17.32 -3.51
CA ALA A 505 -12.86 16.87 -2.82
C ALA A 505 -13.29 17.87 -1.74
N CYS A 506 -12.31 18.38 -1.01
CA CYS A 506 -12.55 19.38 0.04
C CYS A 506 -13.06 20.71 -0.52
N ILE A 507 -12.50 21.14 -1.66
CA ILE A 507 -12.94 22.36 -2.33
C ILE A 507 -14.39 22.19 -2.80
N LYS A 508 -14.67 21.05 -3.44
CA LYS A 508 -16.01 20.69 -3.88
C LYS A 508 -17.02 20.64 -2.74
N ALA A 509 -16.56 20.20 -1.57
CA ALA A 509 -17.41 20.11 -0.38
C ALA A 509 -17.57 21.43 0.36
N GLY A 510 -16.90 22.48 -0.11
CA GLY A 510 -16.89 23.78 0.56
C GLY A 510 -16.18 23.72 1.90
N GLN A 511 -15.23 22.77 2.01
CA GLN A 511 -14.53 22.48 3.26
C GLN A 511 -13.12 23.05 3.26
N TYR A 512 -12.66 23.50 2.10
CA TYR A 512 -11.34 24.10 2.00
C TYR A 512 -11.35 25.38 1.17
N ASP A 513 -10.80 26.43 1.77
CA ASP A 513 -10.59 27.71 1.12
C ASP A 513 -9.26 28.23 1.64
N PRO A 514 -8.25 28.37 0.74
CA PRO A 514 -6.90 28.80 1.11
C PRO A 514 -6.83 30.22 1.71
N ASP A 515 -7.91 30.98 1.57
CA ASP A 515 -7.98 32.35 2.09
C ASP A 515 -8.92 32.47 3.30
N ASN A 516 -9.46 31.34 3.74
CA ASN A 516 -10.32 31.30 4.90
C ASN A 516 -9.68 30.49 6.02
N VAL A 517 -9.27 31.19 7.08
CA VAL A 517 -8.61 30.60 8.24
C VAL A 517 -9.47 29.54 8.95
N GLU A 518 -10.79 29.64 8.75
CA GLU A 518 -11.74 28.71 9.37
C GLU A 518 -11.90 27.40 8.57
N LEU A 519 -11.34 27.37 7.36
CA LEU A 519 -11.42 26.19 6.50
C LEU A 519 -10.04 25.70 6.06
N PRO A 520 -9.20 25.23 7.02
CA PRO A 520 -7.89 24.73 6.63
C PRO A 520 -7.97 23.33 6.04
N LEU A 521 -7.07 23.02 5.11
CA LEU A 521 -7.08 21.73 4.43
C LEU A 521 -6.94 20.57 5.42
N ASP A 522 -6.12 20.78 6.46
CA ASP A 522 -5.82 19.74 7.45
C ASP A 522 -6.95 19.46 8.45
N ASN A 523 -8.06 20.19 8.35
CA ASN A 523 -9.25 19.88 9.16
C ASN A 523 -10.51 19.68 8.32
N CYS A 524 -10.33 19.32 7.05
CA CYS A 524 -11.46 19.09 6.14
C CYS A 524 -12.12 17.74 6.38
N ASP A 525 -13.44 17.74 6.51
CA ASP A 525 -14.22 16.50 6.60
C ASP A 525 -15.19 16.44 5.43
N ILE A 526 -14.97 15.48 4.53
CA ILE A 526 -15.83 15.31 3.35
C ILE A 526 -17.04 14.40 3.61
N TYR A 527 -17.22 13.97 4.86
CA TYR A 527 -18.40 13.17 5.23
C TYR A 527 -19.66 13.90 4.78
N GLY A 528 -20.60 13.13 4.22
CA GLY A 528 -21.91 13.68 3.82
C GLY A 528 -21.91 14.54 2.57
N SER A 529 -20.77 14.64 1.89
CA SER A 529 -20.67 15.48 0.69
C SER A 529 -20.97 14.71 -0.58
N ALA A 530 -22.15 14.99 -1.15
CA ALA A 530 -22.57 14.39 -2.43
C ALA A 530 -21.76 14.93 -3.59
N ALA A 531 -21.32 16.18 -3.48
CA ALA A 531 -20.48 16.82 -4.49
C ALA A 531 -19.10 16.14 -4.60
N ALA A 532 -18.49 15.84 -3.46
CA ALA A 532 -17.24 15.07 -3.43
C ALA A 532 -17.47 13.66 -3.99
N GLY A 533 -18.59 13.05 -3.59
CA GLY A 533 -18.98 11.73 -4.07
C GLY A 533 -19.17 11.66 -5.57
N ALA A 534 -19.73 12.72 -6.14
CA ALA A 534 -19.95 12.81 -7.59
C ALA A 534 -18.62 12.70 -8.34
N ALA A 535 -17.62 13.44 -7.88
CA ALA A 535 -16.28 13.40 -8.46
C ALA A 535 -15.70 11.98 -8.44
N PHE A 536 -15.84 11.31 -7.30
CA PHE A 536 -15.44 9.91 -7.17
C PHE A 536 -16.17 8.99 -8.14
N HIS A 537 -17.49 9.13 -8.22
CA HIS A 537 -18.26 8.31 -9.15
C HIS A 537 -17.80 8.52 -10.61
N ASN A 538 -17.64 9.78 -11.00
CA ASN A 538 -17.16 10.10 -12.35
C ASN A 538 -15.84 9.44 -12.69
N MET A 539 -14.94 9.38 -11.71
CA MET A 539 -13.61 8.81 -11.92
C MET A 539 -13.61 7.29 -11.82
N LEU A 540 -14.13 6.77 -10.71
CA LEU A 540 -14.05 5.33 -10.43
C LEU A 540 -14.84 4.47 -11.41
N SER A 541 -15.95 4.99 -11.91
CA SER A 541 -16.82 4.25 -12.83
C SER A 541 -16.12 3.95 -14.16
N MET A 542 -15.07 4.71 -14.46
CA MET A 542 -14.29 4.54 -15.67
C MET A 542 -13.41 3.29 -15.64
N GLY A 543 -13.04 2.85 -14.44
CA GLY A 543 -12.05 1.78 -14.29
C GLY A 543 -10.79 2.10 -15.08
N ALA A 544 -10.33 1.14 -15.87
CA ALA A 544 -9.15 1.32 -16.73
C ALA A 544 -9.53 1.57 -18.20
N SER A 545 -10.75 2.04 -18.43
CA SER A 545 -11.25 2.27 -19.79
C SER A 545 -10.48 3.35 -20.57
N LYS A 546 -9.82 4.24 -19.84
CA LYS A 546 -9.04 5.33 -20.43
C LYS A 546 -7.69 5.46 -19.71
N PRO A 547 -6.67 6.03 -20.38
CA PRO A 547 -5.40 6.30 -19.69
C PRO A 547 -5.63 7.16 -18.45
N TRP A 548 -4.86 6.92 -17.39
CA TRP A 548 -5.12 7.56 -16.08
C TRP A 548 -5.25 9.11 -16.08
N PRO A 549 -4.55 9.83 -16.98
CA PRO A 549 -4.79 11.27 -16.96
C PRO A 549 -6.25 11.67 -17.25
N ASP A 550 -6.95 10.85 -18.04
CA ASP A 550 -8.38 11.09 -18.33
C ASP A 550 -9.26 10.81 -17.12
N ALA A 551 -8.84 9.88 -16.28
CA ALA A 551 -9.56 9.56 -15.06
C ALA A 551 -9.36 10.66 -14.03
N LEU A 552 -8.13 11.19 -13.95
CA LEU A 552 -7.85 12.33 -13.08
C LEU A 552 -8.66 13.54 -13.54
N GLU A 553 -8.73 13.73 -14.86
CA GLU A 553 -9.48 14.84 -15.44
C GLU A 553 -10.96 14.76 -15.10
N ALA A 554 -11.50 13.55 -15.11
CA ALA A 554 -12.89 13.31 -14.73
C ALA A 554 -13.17 13.71 -13.27
N PHE A 555 -12.15 13.62 -12.42
CA PHE A 555 -12.29 14.00 -11.02
C PHE A 555 -12.25 15.52 -10.82
N ASN A 556 -11.18 16.17 -11.30
CA ASN A 556 -10.95 17.58 -10.99
C ASN A 556 -10.46 18.45 -12.14
N GLY A 557 -10.48 17.92 -13.36
CA GLY A 557 -10.04 18.67 -14.54
C GLY A 557 -8.55 18.73 -14.79
N GLU A 558 -7.77 18.08 -13.91
CA GLU A 558 -6.30 18.06 -14.07
C GLU A 558 -5.84 16.78 -14.74
N ARG A 559 -4.66 16.81 -15.35
CA ARG A 559 -4.15 15.67 -16.11
C ARG A 559 -2.75 15.24 -15.68
N ILE A 560 -2.21 15.94 -14.69
CA ILE A 560 -0.80 15.79 -14.31
C ILE A 560 -0.67 15.35 -12.84
N MET A 561 0.14 14.32 -12.61
CA MET A 561 0.51 13.92 -11.24
C MET A 561 1.42 15.00 -10.67
N SER A 562 1.05 15.54 -9.50
CA SER A 562 1.76 16.69 -8.94
C SER A 562 1.92 16.62 -7.43
N GLY A 563 3.08 17.06 -6.95
CA GLY A 563 3.36 17.13 -5.52
C GLY A 563 2.89 18.43 -4.88
N LYS A 564 2.26 19.29 -5.68
CA LYS A 564 1.78 20.59 -5.19
C LYS A 564 0.82 20.45 -4.01
N ALA A 565 -0.12 19.52 -4.12
CA ALA A 565 -1.18 19.38 -3.11
C ALA A 565 -0.66 18.85 -1.76
N ILE A 566 0.22 17.84 -1.80
CA ILE A 566 0.79 17.32 -0.55
C ILE A 566 1.64 18.40 0.14
N ALA A 567 2.39 19.18 -0.65
CA ALA A 567 3.19 20.28 -0.09
C ALA A 567 2.31 21.37 0.51
N GLU A 568 1.20 21.66 -0.18
CA GLU A 568 0.20 22.62 0.29
C GLU A 568 -0.37 22.22 1.66
N TYR A 569 -0.76 20.95 1.79
CA TYR A 569 -1.27 20.40 3.04
C TYR A 569 -0.30 20.60 4.20
N PHE A 570 0.98 20.33 3.95
CA PHE A 570 1.99 20.33 5.01
C PHE A 570 2.76 21.64 5.18
N GLU A 571 2.42 22.64 4.37
CA GLU A 571 3.11 23.93 4.40
C GLU A 571 3.18 24.60 5.80
N PRO A 572 2.06 24.59 6.57
CA PRO A 572 2.17 25.18 7.91
C PRO A 572 3.13 24.42 8.83
N LEU A 573 3.23 23.10 8.65
CA LEU A 573 4.19 22.29 9.40
C LEU A 573 5.62 22.58 8.96
N ARG A 574 5.84 22.72 7.65
CA ARG A 574 7.16 23.02 7.12
C ARG A 574 7.74 24.30 7.71
N VAL A 575 6.91 25.35 7.74
CA VAL A 575 7.33 26.64 8.29
C VAL A 575 7.68 26.50 9.78
N TRP A 576 6.78 25.89 10.55
CA TRP A 576 7.01 25.69 11.98
C TRP A 576 8.24 24.83 12.27
N LEU A 577 8.40 23.75 11.52
CA LEU A 577 9.46 22.77 11.78
C LEU A 577 10.86 23.25 11.43
N GLU A 578 10.97 23.96 10.29
CA GLU A 578 12.25 24.57 9.91
C GLU A 578 12.73 25.51 11.00
N ALA A 579 11.80 26.30 11.55
CA ALA A 579 12.10 27.24 12.62
C ALA A 579 12.45 26.53 13.94
N GLU A 580 11.73 25.45 14.24
CA GLU A 580 11.94 24.70 15.48
C GLU A 580 13.29 24.00 15.49
N ASN A 581 13.67 23.43 14.34
CA ASN A 581 14.97 22.81 14.18
C ASN A 581 16.12 23.81 14.31
N ILE A 582 15.93 25.02 13.79
CA ILE A 582 16.91 26.10 13.94
C ILE A 582 17.02 26.53 15.40
N LYS A 583 15.87 26.71 16.05
CA LYS A 583 15.81 27.10 17.46
C LYS A 583 16.54 26.11 18.38
N ASN A 584 16.41 24.83 18.06
CA ASN A 584 17.00 23.76 18.87
C ASN A 584 18.33 23.24 18.30
N ASN A 585 18.89 23.96 17.32
CA ASN A 585 20.18 23.59 16.72
C ASN A 585 20.21 22.11 16.30
N VAL A 586 19.14 21.66 15.67
CA VAL A 586 18.95 20.25 15.34
C VAL A 586 19.80 19.86 14.14
N HIS A 587 20.57 18.80 14.29
CA HIS A 587 21.42 18.30 13.21
C HIS A 587 20.54 17.65 12.15
N ILE A 588 20.80 18.01 10.89
CA ILE A 588 20.05 17.49 9.74
C ILE A 588 20.98 16.63 8.90
N GLY A 589 20.50 15.46 8.50
CA GLY A 589 21.25 14.56 7.64
C GLY A 589 21.94 13.47 8.44
N TRP A 590 22.57 12.53 7.75
CA TRP A 590 23.16 11.37 8.42
C TRP A 590 24.42 10.84 7.72
N THR A 591 25.33 10.31 8.52
CA THR A 591 26.50 9.61 8.00
C THR A 591 26.06 8.25 7.44
N THR A 592 26.92 7.63 6.64
CA THR A 592 26.62 6.33 6.05
C THR A 592 26.62 5.25 7.14
N SER A 593 25.62 4.38 7.08
CA SER A 593 25.42 3.33 8.07
C SER A 593 26.54 2.30 8.09
N ASN A 594 26.83 1.78 9.28
CA ASN A 594 27.81 0.72 9.49
CA ASN A 594 27.83 0.72 9.41
C ASN A 594 27.18 -0.64 9.79
N LYS A 595 25.86 -0.73 9.59
CA LYS A 595 25.08 -1.90 10.00
C LYS A 595 24.91 -3.04 8.98
N CYS A 596 25.50 -2.91 7.79
CA CYS A 596 25.53 -4.02 6.83
C CYS A 596 26.95 -4.26 6.32
N VAL A 597 27.55 -5.35 6.79
CA VAL A 597 28.93 -5.68 6.46
C VAL A 597 29.04 -6.43 5.13
N SER A 598 29.86 -5.90 4.23
CA SER A 598 30.19 -6.57 2.98
C SER A 598 31.29 -7.59 3.22
#